data_5AQC
#
_entry.id   5AQC
#
_cell.length_a   127.329
_cell.length_b   67.404
_cell.length_c   49.923
_cell.angle_alpha   90.00
_cell.angle_beta   105.71
_cell.angle_gamma   90.00
#
_symmetry.space_group_name_H-M   'C 1 2 1'
#
loop_
_entity.id
_entity.type
_entity.pdbx_description
1 polymer 'HTH-TYPE TRANSCRIPTIONAL REPRESSOR KSTR'
2 non-polymer (25S)-3-oxocholest-4-en-26-oyl-CoA
3 non-polymer (4S)-2-METHYL-2,4-PENTANEDIOL
4 non-polymer GLYCEROL
5 non-polymer 'SULFATE ION'
6 water water
#
_entity_poly.entity_id   1
_entity_poly.type   'polypeptide(L)'
_entity_poly.pdbx_seq_one_letter_code
;MAVLAESELGSEAQRERRKRILDATMAIASKGGYEAVQMRAVADRADVAVGTLYRYFPSKVHLLVSALGREFSRIDAKTD
RSAVAGATPFQRLNFMVGKLNRAMQRNPLLTEAMTRAYVFADASAASEVDQVEKLIDSMFARAMANGEPTEDQYHIARVI
SDVWLSNLLAWLTRRASATDVSKRLDLAVRLLIGDQDSAHHHHHH
;
_entity_poly.pdbx_strand_id   A,B
#
loop_
_chem_comp.id
_chem_comp.type
_chem_comp.name
_chem_comp.formula
5JB non-polymer (25S)-3-oxocholest-4-en-26-oyl-CoA 'C48 H76 N7 O18 P3 S'
GOL non-polymer GLYCEROL 'C3 H8 O3'
MPD non-polymer (4S)-2-METHYL-2,4-PENTANEDIOL 'C6 H14 O2'
SO4 non-polymer 'SULFATE ION' 'O4 S -2'
#
# COMPACT_ATOMS: atom_id res chain seq x y z
N GLU A 12 37.39 0.67 -4.77
CA GLU A 12 36.87 0.22 -6.10
C GLU A 12 36.68 -1.31 -6.17
N ALA A 13 37.36 -2.04 -5.29
CA ALA A 13 37.16 -3.50 -5.17
C ALA A 13 35.82 -3.81 -4.48
N GLN A 14 35.46 -3.03 -3.46
CA GLN A 14 34.13 -3.08 -2.87
C GLN A 14 33.06 -2.69 -3.92
N ARG A 15 33.36 -1.67 -4.73
CA ARG A 15 32.37 -1.14 -5.66
C ARG A 15 32.09 -2.14 -6.77
N GLU A 16 33.12 -2.89 -7.17
CA GLU A 16 32.94 -3.79 -8.29
C GLU A 16 32.19 -5.08 -7.86
N ARG A 17 32.51 -5.57 -6.67
CA ARG A 17 31.86 -6.68 -6.03
C ARG A 17 30.34 -6.35 -5.87
N ARG A 18 30.04 -5.12 -5.47
CA ARG A 18 28.64 -4.69 -5.25
C ARG A 18 27.93 -4.68 -6.57
N LYS A 19 28.63 -4.20 -7.59
CA LYS A 19 28.11 -4.15 -8.95
C LYS A 19 27.73 -5.56 -9.47
N ARG A 20 28.66 -6.51 -9.33
CA ARG A 20 28.35 -7.92 -9.68
C ARG A 20 27.15 -8.54 -8.90
N ILE A 21 27.07 -8.27 -7.60
CA ILE A 21 25.99 -8.75 -6.76
C ILE A 21 24.66 -8.17 -7.22
N LEU A 22 24.58 -6.85 -7.42
CA LEU A 22 23.32 -6.26 -7.89
C LEU A 22 23.02 -6.61 -9.32
N ASP A 23 24.04 -6.76 -10.18
CA ASP A 23 23.79 -7.26 -11.49
C ASP A 23 23.14 -8.68 -11.45
N ALA A 24 23.71 -9.55 -10.63
CA ALA A 24 23.21 -10.91 -10.48
C ALA A 24 21.76 -10.91 -9.99
N THR A 25 21.52 -10.02 -9.01
CA THR A 25 20.13 -9.90 -8.44
C THR A 25 19.11 -9.56 -9.47
N MET A 26 19.42 -8.55 -10.25
CA MET A 26 18.54 -8.13 -11.30
C MET A 26 18.30 -9.18 -12.39
N ALA A 27 19.37 -9.83 -12.83
CA ALA A 27 19.25 -10.90 -13.80
C ALA A 27 18.38 -12.05 -13.30
N ILE A 28 18.59 -12.48 -12.08
CA ILE A 28 17.88 -13.61 -11.47
C ILE A 28 16.41 -13.26 -11.25
N ALA A 29 16.17 -12.08 -10.70
CA ALA A 29 14.79 -11.62 -10.52
C ALA A 29 14.04 -11.48 -11.83
N SER A 30 14.65 -10.93 -12.85
CA SER A 30 13.97 -10.73 -14.15
C SER A 30 13.73 -12.03 -14.84
N LYS A 31 14.64 -12.96 -14.67
CA LYS A 31 14.39 -14.27 -15.18
C LYS A 31 13.37 -15.05 -14.40
N GLY A 32 13.36 -15.04 -13.03
CA GLY A 32 12.55 -15.99 -12.29
C GLY A 32 11.64 -15.47 -11.17
N GLY A 33 11.57 -14.14 -11.01
CA GLY A 33 10.76 -13.58 -9.89
C GLY A 33 11.36 -13.79 -8.52
N TYR A 34 10.58 -13.48 -7.46
CA TYR A 34 11.09 -13.46 -6.12
C TYR A 34 11.68 -14.81 -5.65
N GLU A 35 11.01 -15.89 -6.06
CA GLU A 35 11.36 -17.24 -5.60
C GLU A 35 12.76 -17.61 -6.10
N ALA A 36 13.16 -17.07 -7.26
CA ALA A 36 14.49 -17.33 -7.84
C ALA A 36 15.67 -16.64 -7.15
N VAL A 37 15.37 -15.51 -6.47
CA VAL A 37 16.36 -14.74 -5.79
C VAL A 37 16.71 -15.41 -4.47
N GLN A 38 17.60 -16.38 -4.53
CA GLN A 38 18.08 -17.07 -3.34
C GLN A 38 19.52 -16.61 -3.15
N MET A 39 19.92 -16.41 -1.90
CA MET A 39 21.19 -15.79 -1.60
C MET A 39 22.37 -16.59 -2.26
N ARG A 40 22.25 -17.91 -2.21
CA ARG A 40 23.30 -18.82 -2.76
C ARG A 40 23.41 -18.63 -4.28
N ALA A 41 22.26 -18.57 -4.92
CA ALA A 41 22.20 -18.41 -6.34
C ALA A 41 22.80 -17.06 -6.71
N VAL A 42 22.47 -16.01 -5.95
CA VAL A 42 23.04 -14.74 -6.24
C VAL A 42 24.57 -14.72 -6.05
N ALA A 43 25.10 -15.32 -4.97
CA ALA A 43 26.52 -15.31 -4.69
C ALA A 43 27.30 -16.06 -5.79
N ASP A 44 26.75 -17.20 -6.18
CA ASP A 44 27.31 -18.02 -7.26
C ASP A 44 27.37 -17.25 -8.57
N ARG A 45 26.26 -16.66 -8.98
CA ARG A 45 26.25 -15.89 -10.21
C ARG A 45 27.22 -14.67 -10.15
N ALA A 46 27.35 -14.06 -8.98
CA ALA A 46 28.15 -12.88 -8.82
C ALA A 46 29.62 -13.17 -8.57
N ASP A 47 29.97 -14.46 -8.40
CA ASP A 47 31.33 -14.90 -8.09
C ASP A 47 31.85 -14.22 -6.87
N VAL A 48 31.07 -14.26 -5.79
CA VAL A 48 31.52 -13.78 -4.53
C VAL A 48 31.24 -14.90 -3.57
N ALA A 49 31.98 -14.93 -2.48
CA ALA A 49 31.69 -15.87 -1.42
C ALA A 49 30.36 -15.44 -0.76
N VAL A 50 29.57 -16.40 -0.37
CA VAL A 50 28.32 -16.17 0.27
C VAL A 50 28.44 -15.22 1.50
N GLY A 51 29.48 -15.39 2.32
CA GLY A 51 29.63 -14.55 3.51
C GLY A 51 29.84 -13.12 3.11
N THR A 52 30.58 -12.95 2.02
CA THR A 52 30.84 -11.65 1.49
C THR A 52 29.50 -11.03 1.12
N LEU A 53 28.65 -11.85 0.48
CA LEU A 53 27.31 -11.42 0.08
C LEU A 53 26.48 -10.95 1.32
N TYR A 54 26.33 -11.83 2.31
CA TYR A 54 25.60 -11.52 3.56
C TYR A 54 26.09 -10.28 4.31
N ARG A 55 27.39 -10.01 4.25
CA ARG A 55 27.98 -8.86 4.91
C ARG A 55 27.42 -7.58 4.31
N TYR A 56 27.32 -7.52 2.98
CA TYR A 56 26.80 -6.31 2.33
C TYR A 56 25.24 -6.23 2.27
N PHE A 57 24.58 -7.40 2.31
CA PHE A 57 23.16 -7.55 1.98
C PHE A 57 22.58 -8.74 2.73
N PRO A 58 22.11 -8.52 3.99
CA PRO A 58 21.77 -9.68 4.82
C PRO A 58 20.60 -10.54 4.41
N SER A 59 19.79 -10.13 3.43
CA SER A 59 18.67 -10.96 3.01
C SER A 59 18.34 -10.61 1.57
N LYS A 60 17.40 -11.36 1.01
CA LYS A 60 16.92 -11.10 -0.32
C LYS A 60 16.17 -9.79 -0.44
N VAL A 61 15.53 -9.35 0.65
CA VAL A 61 14.95 -7.99 0.64
C VAL A 61 15.95 -6.90 0.44
N HIS A 62 17.06 -6.95 1.16
CA HIS A 62 18.09 -5.96 1.07
C HIS A 62 18.70 -5.92 -0.30
N LEU A 63 18.86 -7.12 -0.87
CA LEU A 63 19.34 -7.22 -2.28
C LEU A 63 18.45 -6.58 -3.24
N LEU A 64 17.15 -6.93 -3.20
CA LEU A 64 16.21 -6.43 -4.17
C LEU A 64 15.99 -4.94 -4.02
N VAL A 65 15.79 -4.49 -2.79
CA VAL A 65 15.60 -3.00 -2.61
C VAL A 65 16.84 -2.21 -3.00
N SER A 66 18.03 -2.71 -2.61
CA SER A 66 19.30 -2.05 -3.10
C SER A 66 19.40 -2.05 -4.58
N ALA A 67 19.05 -3.17 -5.26
CA ALA A 67 19.05 -3.16 -6.73
C ALA A 67 18.06 -2.20 -7.38
N LEU A 68 16.84 -2.05 -6.80
CA LEU A 68 15.90 -1.10 -7.31
C LEU A 68 16.43 0.39 -7.17
N GLY A 69 17.06 0.64 -6.06
CA GLY A 69 17.67 1.94 -5.78
C GLY A 69 18.67 2.28 -6.85
N ARG A 70 19.53 1.30 -7.20
CA ARG A 70 20.48 1.53 -8.26
C ARG A 70 19.87 1.79 -9.61
N GLU A 71 18.78 1.10 -9.96
CA GLU A 71 18.14 1.39 -11.18
C GLU A 71 17.59 2.81 -11.19
N PHE A 72 16.97 3.23 -10.09
CA PHE A 72 16.43 4.62 -9.99
C PHE A 72 17.51 5.67 -10.23
N SER A 73 18.67 5.52 -9.60
N SER A 73 18.68 5.52 -9.62
CA SER A 73 19.82 6.43 -9.81
CA SER A 73 19.81 6.46 -9.86
C SER A 73 20.39 6.43 -11.22
C SER A 73 20.34 6.46 -11.27
N ARG A 74 20.36 5.28 -11.90
CA ARG A 74 20.70 5.24 -13.32
C ARG A 74 19.67 6.02 -14.15
N ILE A 75 18.39 5.82 -13.84
CA ILE A 75 17.31 6.54 -14.48
C ILE A 75 17.51 8.05 -14.19
N ASP A 76 17.72 8.35 -12.94
CA ASP A 76 17.89 9.72 -12.51
C ASP A 76 19.03 10.44 -13.28
N ALA A 77 20.23 9.86 -13.24
CA ALA A 77 21.42 10.40 -13.91
C ALA A 77 21.28 10.63 -15.43
N LYS A 78 20.49 9.80 -16.11
CA LYS A 78 20.18 10.05 -17.51
C LYS A 78 19.07 11.09 -17.64
N THR A 79 18.36 11.37 -16.53
CA THR A 79 17.23 12.32 -16.52
C THR A 79 17.65 13.69 -16.00
N ASP A 80 18.08 14.52 -16.93
CA ASP A 80 18.33 15.91 -16.65
C ASP A 80 17.01 16.72 -16.74
N ARG A 81 16.95 17.87 -16.03
CA ARG A 81 15.82 18.82 -16.08
C ARG A 81 15.06 18.86 -17.41
N SER A 82 15.75 19.14 -18.52
CA SER A 82 15.09 19.21 -19.83
C SER A 82 14.53 17.89 -20.35
N ALA A 83 15.05 16.74 -19.90
CA ALA A 83 14.60 15.42 -20.40
C ALA A 83 13.14 15.08 -20.06
N VAL A 84 12.62 15.68 -18.98
CA VAL A 84 11.23 15.40 -18.56
C VAL A 84 10.33 16.35 -19.36
N ALA A 85 9.58 15.83 -20.33
CA ALA A 85 8.81 16.66 -21.25
C ALA A 85 7.61 17.28 -20.54
N GLY A 86 7.34 18.55 -20.81
CA GLY A 86 6.13 19.18 -20.34
C GLY A 86 6.32 20.61 -19.89
N ALA A 87 5.38 21.43 -20.32
CA ALA A 87 5.34 22.83 -19.92
C ALA A 87 4.82 23.00 -18.50
N THR A 88 3.92 22.10 -18.04
CA THR A 88 3.29 22.22 -16.68
C THR A 88 3.77 21.14 -15.70
N PRO A 89 3.61 21.34 -14.38
CA PRO A 89 3.98 20.24 -13.47
C PRO A 89 3.20 18.95 -13.78
N PHE A 90 1.94 19.12 -14.18
CA PHE A 90 1.08 18.02 -14.49
C PHE A 90 1.66 17.20 -15.65
N GLN A 91 2.06 17.92 -16.70
CA GLN A 91 2.59 17.26 -17.89
C GLN A 91 3.86 16.53 -17.60
N ARG A 92 4.74 17.13 -16.80
CA ARG A 92 6.05 16.60 -16.50
C ARG A 92 5.93 15.37 -15.58
N LEU A 93 5.04 15.45 -14.58
CA LEU A 93 4.85 14.30 -13.66
C LEU A 93 4.22 13.14 -14.42
N ASN A 94 3.23 13.43 -15.23
CA ASN A 94 2.56 12.42 -15.99
C ASN A 94 3.51 11.68 -16.94
N PHE A 95 4.45 12.43 -17.49
CA PHE A 95 5.43 11.85 -18.37
C PHE A 95 6.34 10.87 -17.57
N MET A 96 6.82 11.28 -16.39
CA MET A 96 7.68 10.44 -15.53
C MET A 96 6.91 9.16 -15.07
N VAL A 97 5.67 9.35 -14.63
CA VAL A 97 4.85 8.24 -14.18
C VAL A 97 4.58 7.23 -15.34
N GLY A 98 4.25 7.80 -16.49
CA GLY A 98 3.99 7.00 -17.69
C GLY A 98 5.20 6.13 -18.08
N LYS A 99 6.38 6.69 -18.01
CA LYS A 99 7.65 6.00 -18.38
C LYS A 99 7.87 4.79 -17.41
N LEU A 100 7.74 5.07 -16.12
CA LEU A 100 7.86 4.05 -15.08
C LEU A 100 6.75 3.01 -15.14
N ASN A 101 5.54 3.42 -15.48
CA ASN A 101 4.46 2.50 -15.64
C ASN A 101 4.74 1.50 -16.82
N ARG A 102 5.23 2.06 -17.92
CA ARG A 102 5.50 1.19 -19.11
C ARG A 102 6.68 0.26 -18.76
N ALA A 103 7.69 0.76 -18.05
CA ALA A 103 8.83 -0.07 -17.64
C ALA A 103 8.34 -1.24 -16.74
N MET A 104 7.44 -0.92 -15.81
CA MET A 104 6.85 -1.96 -15.03
C MET A 104 6.12 -3.00 -15.89
N GLN A 105 5.28 -2.57 -16.84
CA GLN A 105 4.51 -3.50 -17.62
C GLN A 105 5.41 -4.40 -18.52
N ARG A 106 6.50 -3.82 -18.98
CA ARG A 106 7.51 -4.54 -19.80
C ARG A 106 8.37 -5.55 -18.99
N ASN A 107 8.36 -5.45 -17.67
CA ASN A 107 9.15 -6.28 -16.76
C ASN A 107 8.33 -6.86 -15.59
N PRO A 108 7.36 -7.75 -15.89
CA PRO A 108 6.45 -8.30 -14.87
C PRO A 108 7.08 -9.15 -13.85
N LEU A 109 8.06 -10.01 -14.22
CA LEU A 109 8.71 -10.79 -13.17
C LEU A 109 9.57 -9.97 -12.26
N LEU A 110 10.25 -8.97 -12.80
CA LEU A 110 10.99 -8.09 -11.99
C LEU A 110 10.02 -7.32 -10.99
N THR A 111 8.90 -6.96 -11.50
CA THR A 111 7.86 -6.17 -10.75
C THR A 111 7.34 -7.05 -9.61
N GLU A 112 7.12 -8.34 -9.90
CA GLU A 112 6.72 -9.28 -8.90
C GLU A 112 7.74 -9.42 -7.81
N ALA A 113 9.02 -9.60 -8.16
CA ALA A 113 10.09 -9.68 -7.18
C ALA A 113 10.19 -8.41 -6.30
N MET A 114 10.11 -7.24 -6.89
CA MET A 114 10.23 -5.98 -6.11
C MET A 114 9.02 -5.77 -5.18
N THR A 115 7.86 -6.14 -5.64
CA THR A 115 6.60 -5.97 -4.90
C THR A 115 6.66 -6.91 -3.66
N ARG A 116 7.10 -8.17 -3.85
CA ARG A 116 7.24 -9.05 -2.73
C ARG A 116 8.26 -8.60 -1.80
N ALA A 117 9.35 -8.06 -2.32
CA ALA A 117 10.42 -7.58 -1.45
C ALA A 117 9.87 -6.49 -0.51
N TYR A 118 9.07 -5.63 -1.08
CA TYR A 118 8.42 -4.54 -0.30
C TYR A 118 7.46 -5.04 0.72
N VAL A 119 6.69 -6.05 0.41
CA VAL A 119 5.79 -6.59 1.45
C VAL A 119 6.51 -7.22 2.61
N PHE A 120 7.70 -7.78 2.37
CA PHE A 120 8.52 -8.28 3.42
C PHE A 120 9.51 -7.32 4.06
N ALA A 121 9.68 -6.10 3.53
CA ALA A 121 10.65 -5.22 4.08
C ALA A 121 10.25 -4.75 5.50
N ASP A 122 11.19 -4.79 6.43
CA ASP A 122 10.90 -4.39 7.83
C ASP A 122 11.98 -3.43 8.32
N ALA A 123 11.94 -3.11 9.60
CA ALA A 123 12.92 -2.22 10.21
C ALA A 123 14.41 -2.60 9.89
N SER A 124 14.67 -3.88 9.72
CA SER A 124 16.06 -4.29 9.44
C SER A 124 16.52 -3.79 8.06
N ALA A 125 15.58 -3.45 7.17
CA ALA A 125 15.89 -2.87 5.89
C ALA A 125 15.52 -1.41 5.71
N ALA A 126 15.35 -0.69 6.84
CA ALA A 126 14.93 0.69 6.76
C ALA A 126 15.90 1.54 5.99
N SER A 127 17.22 1.36 6.13
CA SER A 127 18.16 2.21 5.35
C SER A 127 17.99 2.05 3.86
N GLU A 128 17.93 0.81 3.44
CA GLU A 128 17.68 0.51 1.99
C GLU A 128 16.35 1.04 1.46
N VAL A 129 15.27 0.85 2.20
CA VAL A 129 13.96 1.35 1.80
C VAL A 129 13.98 2.88 1.73
N ASP A 130 14.58 3.51 2.76
CA ASP A 130 14.67 4.98 2.83
C ASP A 130 15.41 5.58 1.65
N GLN A 131 16.50 4.96 1.21
N GLN A 131 16.50 4.92 1.25
CA GLN A 131 17.22 5.49 0.05
CA GLN A 131 17.28 5.29 0.07
C GLN A 131 16.42 5.39 -1.22
C GLN A 131 16.44 5.36 -1.17
N VAL A 132 15.68 4.30 -1.41
CA VAL A 132 14.78 4.23 -2.52
C VAL A 132 13.65 5.29 -2.48
N GLU A 133 13.02 5.39 -1.34
CA GLU A 133 11.95 6.37 -1.13
C GLU A 133 12.47 7.81 -1.42
N LYS A 134 13.64 8.16 -0.88
CA LYS A 134 14.26 9.43 -1.12
C LYS A 134 14.53 9.63 -2.55
N LEU A 135 15.06 8.59 -3.23
CA LEU A 135 15.26 8.73 -4.63
C LEU A 135 14.07 8.87 -5.52
N ILE A 136 13.07 8.02 -5.34
CA ILE A 136 11.90 8.06 -6.21
C ILE A 136 11.11 9.37 -5.94
N ASP A 137 11.06 9.78 -4.70
CA ASP A 137 10.28 11.01 -4.36
C ASP A 137 11.00 12.24 -4.95
N SER A 138 12.33 12.23 -4.90
CA SER A 138 13.11 13.30 -5.51
C SER A 138 12.88 13.37 -6.97
N MET A 139 12.92 12.21 -7.67
CA MET A 139 12.60 12.18 -9.09
C MET A 139 11.25 12.75 -9.44
N PHE A 140 10.22 12.30 -8.72
CA PHE A 140 8.88 12.78 -9.02
C PHE A 140 8.77 14.31 -8.66
N ALA A 141 9.34 14.72 -7.52
CA ALA A 141 9.28 16.13 -7.06
C ALA A 141 10.05 17.06 -8.02
N ARG A 142 11.27 16.63 -8.42
CA ARG A 142 12.04 17.42 -9.43
C ARG A 142 11.38 17.45 -10.78
N ALA A 143 10.58 16.44 -11.11
CA ALA A 143 9.80 16.47 -12.32
C ALA A 143 8.75 17.57 -12.29
N MET A 144 7.98 17.65 -11.21
CA MET A 144 7.07 18.76 -11.02
C MET A 144 7.75 20.17 -10.98
N ALA A 145 8.84 20.29 -10.26
CA ALA A 145 9.42 21.58 -9.96
C ALA A 145 10.25 22.15 -11.11
N ASN A 146 10.30 23.48 -11.19
CA ASN A 146 11.31 24.14 -12.04
C ASN A 146 12.61 24.50 -11.36
N GLY A 147 12.63 24.69 -10.08
CA GLY A 147 13.92 24.61 -9.41
C GLY A 147 13.93 23.56 -8.34
N GLU A 148 14.43 23.97 -7.19
CA GLU A 148 14.41 23.21 -5.99
C GLU A 148 12.93 22.88 -5.61
N PRO A 149 12.59 21.60 -5.37
CA PRO A 149 11.16 21.36 -5.07
C PRO A 149 10.72 21.92 -3.74
N THR A 150 9.41 22.17 -3.66
CA THR A 150 8.70 22.61 -2.44
C THR A 150 8.37 21.41 -1.55
N GLU A 151 8.16 21.68 -0.25
CA GLU A 151 7.71 20.66 0.67
C GLU A 151 6.55 19.86 0.07
N ASP A 152 5.56 20.54 -0.47
CA ASP A 152 4.36 19.88 -0.97
C ASP A 152 4.63 18.97 -2.17
N GLN A 153 5.51 19.37 -3.08
CA GLN A 153 5.90 18.47 -4.20
C GLN A 153 6.52 17.16 -3.73
N TYR A 154 7.35 17.18 -2.69
CA TYR A 154 7.84 15.94 -1.99
C TYR A 154 6.69 15.13 -1.43
N HIS A 155 5.75 15.83 -0.82
CA HIS A 155 4.59 15.11 -0.22
C HIS A 155 3.75 14.49 -1.30
N ILE A 156 3.54 15.20 -2.42
CA ILE A 156 2.76 14.66 -3.48
C ILE A 156 3.42 13.37 -4.06
N ALA A 157 4.73 13.44 -4.20
CA ALA A 157 5.50 12.26 -4.68
C ALA A 157 5.19 11.03 -3.76
N ARG A 158 5.19 11.24 -2.45
CA ARG A 158 4.92 10.17 -1.47
C ARG A 158 3.55 9.60 -1.63
N VAL A 159 2.52 10.43 -1.85
CA VAL A 159 1.21 9.93 -2.18
C VAL A 159 1.13 9.05 -3.46
N ILE A 160 1.74 9.53 -4.54
CA ILE A 160 1.76 8.76 -5.77
C ILE A 160 2.45 7.43 -5.46
N SER A 161 3.53 7.43 -4.70
CA SER A 161 4.27 6.17 -4.37
C SER A 161 3.44 5.20 -3.51
N ASP A 162 2.64 5.74 -2.60
CA ASP A 162 1.69 4.88 -1.86
C ASP A 162 0.57 4.31 -2.65
N VAL A 163 -0.04 5.08 -3.56
CA VAL A 163 -1.07 4.57 -4.45
C VAL A 163 -0.42 3.42 -5.29
N TRP A 164 0.81 3.69 -5.67
CA TRP A 164 1.52 2.67 -6.56
C TRP A 164 1.68 1.34 -5.82
N LEU A 165 2.20 1.41 -4.58
CA LEU A 165 2.46 0.24 -3.76
C LEU A 165 1.16 -0.49 -3.44
N SER A 166 0.13 0.23 -3.01
N SER A 166 0.14 0.25 -3.01
CA SER A 166 -1.11 -0.44 -2.60
CA SER A 166 -1.13 -0.39 -2.61
C SER A 166 -1.78 -1.16 -3.77
C SER A 166 -1.74 -1.16 -3.77
N ASN A 167 -1.67 -0.55 -4.94
CA ASN A 167 -2.20 -1.18 -6.14
C ASN A 167 -1.35 -2.34 -6.68
N LEU A 168 -0.04 -2.26 -6.46
CA LEU A 168 0.83 -3.45 -6.77
C LEU A 168 0.47 -4.60 -5.82
N LEU A 169 0.10 -4.29 -4.56
N LEU A 169 0.08 -4.32 -4.57
CA LEU A 169 -0.38 -5.30 -3.61
CA LEU A 169 -0.35 -5.39 -3.69
C LEU A 169 -1.55 -6.09 -4.19
C LEU A 169 -1.57 -6.13 -4.21
N ALA A 170 -2.51 -5.37 -4.78
CA ALA A 170 -3.72 -5.92 -5.38
C ALA A 170 -3.38 -6.74 -6.66
N TRP A 171 -2.51 -6.18 -7.49
CA TRP A 171 -1.94 -6.91 -8.64
C TRP A 171 -1.28 -8.23 -8.22
N LEU A 172 -0.44 -8.20 -7.20
CA LEU A 172 0.34 -9.35 -6.73
C LEU A 172 -0.53 -10.55 -6.32
N THR A 173 -1.67 -10.24 -5.71
CA THR A 173 -2.54 -11.25 -5.17
C THR A 173 -3.69 -11.52 -6.13
N ARG A 174 -3.57 -11.01 -7.36
CA ARG A 174 -4.48 -11.30 -8.46
C ARG A 174 -5.89 -10.76 -8.25
N ARG A 175 -5.99 -9.59 -7.61
CA ARG A 175 -7.26 -8.84 -7.52
C ARG A 175 -7.34 -7.64 -8.43
N ALA A 176 -6.23 -7.23 -9.03
CA ALA A 176 -6.24 -6.12 -10.01
C ALA A 176 -5.33 -6.46 -11.17
N SER A 177 -5.63 -5.89 -12.32
CA SER A 177 -4.83 -5.98 -13.55
C SER A 177 -3.94 -4.78 -13.75
N ALA A 178 -3.19 -4.77 -14.86
CA ALA A 178 -2.43 -3.60 -15.31
C ALA A 178 -3.32 -2.42 -15.75
N THR A 179 -4.45 -2.70 -16.39
CA THR A 179 -5.43 -1.65 -16.70
C THR A 179 -5.81 -0.86 -15.40
N ASP A 180 -6.17 -1.59 -14.36
CA ASP A 180 -6.47 -1.04 -13.01
C ASP A 180 -5.35 -0.19 -12.35
N VAL A 181 -4.14 -0.70 -12.27
CA VAL A 181 -3.04 0.04 -11.64
C VAL A 181 -2.79 1.35 -12.37
N SER A 182 -2.76 1.32 -13.71
CA SER A 182 -2.51 2.54 -14.51
C SER A 182 -3.60 3.57 -14.32
N LYS A 183 -4.82 3.07 -14.25
CA LYS A 183 -5.98 3.86 -14.02
C LYS A 183 -5.84 4.60 -12.68
N ARG A 184 -5.46 3.88 -11.61
CA ARG A 184 -5.31 4.49 -10.26
C ARG A 184 -4.23 5.53 -10.28
N LEU A 185 -3.12 5.23 -10.96
CA LEU A 185 -2.04 6.19 -10.98
C LEU A 185 -2.44 7.45 -11.71
N ASP A 186 -3.07 7.30 -12.84
N ASP A 186 -3.08 7.27 -12.86
CA ASP A 186 -3.40 8.46 -13.66
CA ASP A 186 -3.52 8.38 -13.72
C ASP A 186 -4.43 9.33 -12.89
C ASP A 186 -4.42 9.31 -12.89
N LEU A 187 -5.39 8.70 -12.21
CA LEU A 187 -6.34 9.49 -11.31
C LEU A 187 -5.61 10.26 -10.23
N ALA A 188 -4.67 9.61 -9.55
CA ALA A 188 -3.94 10.21 -8.44
C ALA A 188 -3.18 11.45 -8.95
N VAL A 189 -2.43 11.30 -10.02
CA VAL A 189 -1.73 12.43 -10.55
C VAL A 189 -2.69 13.60 -10.85
N ARG A 190 -3.78 13.33 -11.53
CA ARG A 190 -4.74 14.36 -11.92
C ARG A 190 -5.37 15.02 -10.69
N LEU A 191 -5.77 14.20 -9.75
CA LEU A 191 -6.36 14.77 -8.51
C LEU A 191 -5.40 15.58 -7.70
N LEU A 192 -4.10 15.23 -7.66
CA LEU A 192 -3.12 15.95 -6.94
C LEU A 192 -2.62 17.25 -7.61
N ILE A 193 -2.45 17.22 -8.91
CA ILE A 193 -1.89 18.40 -9.58
C ILE A 193 -2.40 18.68 -10.99
N GLY A 194 -3.57 18.16 -11.37
CA GLY A 194 -4.12 18.40 -12.73
C GLY A 194 -4.56 19.86 -12.91
N ALA B 13 -33.01 -16.31 11.21
CA ALA B 13 -31.99 -16.52 12.29
C ALA B 13 -30.56 -16.80 11.75
N GLN B 14 -30.42 -16.85 10.43
CA GLN B 14 -29.12 -16.84 9.77
C GLN B 14 -28.38 -15.55 10.13
N ARG B 15 -29.10 -14.44 10.10
CA ARG B 15 -28.54 -13.14 10.46
C ARG B 15 -28.13 -13.05 11.95
N GLU B 16 -28.71 -13.90 12.81
CA GLU B 16 -28.21 -14.02 14.18
C GLU B 16 -26.87 -14.76 14.22
N ARG B 17 -26.78 -15.89 13.51
CA ARG B 17 -25.51 -16.66 13.47
C ARG B 17 -24.41 -15.71 12.93
N ARG B 18 -24.74 -14.97 11.87
CA ARG B 18 -23.81 -13.98 11.24
C ARG B 18 -23.35 -12.95 12.23
N LYS B 19 -24.29 -12.32 12.93
CA LYS B 19 -23.93 -11.36 13.94
C LYS B 19 -22.97 -11.96 14.96
N ARG B 20 -23.25 -13.17 15.43
CA ARG B 20 -22.42 -13.73 16.49
C ARG B 20 -21.02 -14.05 15.89
N ILE B 21 -20.99 -14.49 14.65
CA ILE B 21 -19.70 -14.84 14.03
C ILE B 21 -18.86 -13.59 13.90
N LEU B 22 -19.44 -12.54 13.37
CA LEU B 22 -18.64 -11.31 13.22
C LEU B 22 -18.31 -10.67 14.52
N ASP B 23 -19.20 -10.77 15.53
CA ASP B 23 -18.85 -10.27 16.85
C ASP B 23 -17.66 -10.99 17.47
N ALA B 24 -17.63 -12.30 17.36
CA ALA B 24 -16.54 -13.11 17.84
C ALA B 24 -15.22 -12.78 17.10
N THR B 25 -15.32 -12.60 15.79
CA THR B 25 -14.15 -12.16 14.92
C THR B 25 -13.53 -10.88 15.51
N MET B 26 -14.39 -9.88 15.78
CA MET B 26 -13.88 -8.56 16.22
C MET B 26 -13.30 -8.69 17.60
N ALA B 27 -13.96 -9.46 18.47
CA ALA B 27 -13.47 -9.61 19.85
C ALA B 27 -12.12 -10.34 19.88
N ILE B 28 -12.05 -11.43 19.14
CA ILE B 28 -10.80 -12.19 19.06
C ILE B 28 -9.62 -11.39 18.43
N ALA B 29 -9.88 -10.78 17.27
CA ALA B 29 -8.89 -9.90 16.60
C ALA B 29 -8.45 -8.76 17.50
N SER B 30 -9.38 -8.17 18.27
CA SER B 30 -9.02 -6.98 19.05
C SER B 30 -8.13 -7.36 20.16
N LYS B 31 -8.25 -8.60 20.63
CA LYS B 31 -7.49 -9.02 21.80
C LYS B 31 -6.21 -9.73 21.44
N GLY B 32 -6.20 -10.42 20.31
CA GLY B 32 -5.09 -11.28 19.95
C GLY B 32 -4.48 -11.17 18.55
N GLY B 33 -4.97 -10.23 17.72
CA GLY B 33 -4.43 -9.96 16.37
C GLY B 33 -4.76 -11.07 15.38
N TYR B 34 -4.11 -11.04 14.21
CA TYR B 34 -4.39 -11.90 13.10
C TYR B 34 -4.24 -13.34 13.53
N GLU B 35 -3.20 -13.59 14.30
CA GLU B 35 -2.82 -15.03 14.63
C GLU B 35 -3.93 -15.69 15.47
N ALA B 36 -4.68 -14.88 16.25
CA ALA B 36 -5.74 -15.44 17.09
C ALA B 36 -6.99 -15.80 16.34
N VAL B 37 -7.18 -15.27 15.13
CA VAL B 37 -8.37 -15.49 14.34
C VAL B 37 -8.27 -16.85 13.61
N GLN B 38 -8.75 -17.89 14.28
CA GLN B 38 -8.67 -19.29 13.83
C GLN B 38 -10.08 -19.77 13.83
N MET B 39 -10.39 -20.60 12.86
CA MET B 39 -11.78 -20.97 12.57
C MET B 39 -12.42 -21.66 13.78
N ARG B 40 -11.71 -22.59 14.42
CA ARG B 40 -12.28 -23.26 15.58
C ARG B 40 -12.55 -22.30 16.76
N ALA B 41 -11.63 -21.39 17.03
CA ALA B 41 -11.82 -20.39 18.07
C ALA B 41 -12.96 -19.45 17.84
N VAL B 42 -13.16 -19.01 16.60
CA VAL B 42 -14.23 -18.11 16.26
C VAL B 42 -15.57 -18.84 16.36
N ALA B 43 -15.61 -20.07 15.80
CA ALA B 43 -16.78 -20.93 15.87
C ALA B 43 -17.25 -21.17 17.30
N ASP B 44 -16.34 -21.53 18.17
N ASP B 44 -16.33 -21.53 18.19
CA ASP B 44 -16.64 -21.81 19.56
CA ASP B 44 -16.58 -21.81 19.62
C ASP B 44 -17.19 -20.55 20.24
C ASP B 44 -17.11 -20.57 20.33
N ARG B 45 -16.45 -19.44 20.13
CA ARG B 45 -16.89 -18.20 20.74
C ARG B 45 -18.28 -17.74 20.27
N ALA B 46 -18.59 -17.93 18.99
CA ALA B 46 -19.85 -17.51 18.33
C ALA B 46 -20.96 -18.53 18.54
N ASP B 47 -20.59 -19.66 19.15
CA ASP B 47 -21.55 -20.76 19.39
C ASP B 47 -22.15 -21.18 18.10
N VAL B 48 -21.30 -21.49 17.13
CA VAL B 48 -21.74 -22.14 15.88
C VAL B 48 -20.82 -23.34 15.62
N ALA B 49 -21.30 -24.28 14.82
CA ALA B 49 -20.52 -25.40 14.36
C ALA B 49 -19.47 -24.85 13.39
N VAL B 50 -18.22 -25.35 13.46
CA VAL B 50 -17.18 -24.83 12.53
C VAL B 50 -17.58 -24.99 11.06
N GLY B 51 -18.32 -26.06 10.73
CA GLY B 51 -18.76 -26.27 9.36
C GLY B 51 -19.76 -25.20 8.91
N THR B 52 -20.59 -24.74 9.85
CA THR B 52 -21.52 -23.68 9.58
C THR B 52 -20.68 -22.48 9.27
N LEU B 53 -19.65 -22.28 10.08
CA LEU B 53 -18.76 -21.18 9.88
C LEU B 53 -18.12 -21.21 8.51
N TYR B 54 -17.52 -22.35 8.14
CA TYR B 54 -16.84 -22.50 6.84
C TYR B 54 -17.78 -22.34 5.64
N ARG B 55 -19.08 -22.54 5.81
CA ARG B 55 -20.04 -22.27 4.73
C ARG B 55 -20.16 -20.75 4.44
N TYR B 56 -20.49 -19.97 5.47
CA TYR B 56 -20.57 -18.50 5.38
C TYR B 56 -19.23 -17.73 5.08
N PHE B 57 -18.10 -18.18 5.61
CA PHE B 57 -16.88 -17.38 5.65
C PHE B 57 -15.70 -18.32 5.59
N PRO B 58 -15.26 -18.66 4.39
CA PRO B 58 -14.26 -19.76 4.16
C PRO B 58 -12.85 -19.56 4.73
N SER B 59 -12.44 -18.34 5.09
CA SER B 59 -11.16 -18.12 5.70
C SER B 59 -11.18 -16.96 6.63
N LYS B 60 -10.08 -16.80 7.34
CA LYS B 60 -9.94 -15.66 8.24
C LYS B 60 -9.97 -14.32 7.52
N VAL B 61 -9.55 -14.27 6.24
CA VAL B 61 -9.59 -13.01 5.46
C VAL B 61 -11.02 -12.63 5.19
N HIS B 62 -11.82 -13.63 4.86
CA HIS B 62 -13.23 -13.39 4.66
C HIS B 62 -13.91 -12.93 5.93
N LEU B 63 -13.59 -13.55 7.05
CA LEU B 63 -14.15 -13.13 8.36
C LEU B 63 -13.77 -11.69 8.68
N LEU B 64 -12.48 -11.38 8.53
CA LEU B 64 -12.00 -10.06 8.94
C LEU B 64 -12.53 -8.97 8.04
N VAL B 65 -12.57 -9.25 6.73
CA VAL B 65 -13.05 -8.27 5.72
C VAL B 65 -14.58 -8.03 5.93
N SER B 66 -15.32 -9.10 6.17
CA SER B 66 -16.76 -8.95 6.42
C SER B 66 -17.02 -8.20 7.71
N ALA B 67 -16.22 -8.45 8.73
CA ALA B 67 -16.37 -7.77 10.05
C ALA B 67 -16.08 -6.27 9.96
N LEU B 68 -15.10 -5.97 9.16
CA LEU B 68 -14.79 -4.55 8.88
C LEU B 68 -15.91 -3.86 8.15
N GLY B 69 -16.45 -4.50 7.10
CA GLY B 69 -17.60 -4.02 6.31
C GLY B 69 -18.81 -3.74 7.19
N ARG B 70 -19.08 -4.70 8.09
CA ARG B 70 -20.11 -4.47 9.14
C ARG B 70 -19.88 -3.25 10.01
N GLU B 71 -18.65 -2.99 10.47
CA GLU B 71 -18.42 -1.82 11.30
C GLU B 71 -18.71 -0.55 10.56
N PHE B 72 -18.24 -0.45 9.32
CA PHE B 72 -18.53 0.68 8.53
C PHE B 72 -20.01 0.81 8.15
N SER B 73 -20.72 -0.30 7.99
CA SER B 73 -22.17 -0.20 7.72
C SER B 73 -22.86 0.36 8.94
N ARG B 74 -22.36 0.01 10.12
CA ARG B 74 -22.97 0.51 11.37
C ARG B 74 -22.67 1.99 11.57
N ILE B 75 -21.47 2.41 11.20
CA ILE B 75 -21.14 3.82 11.27
C ILE B 75 -22.03 4.60 10.32
N ASP B 76 -22.09 4.18 9.07
CA ASP B 76 -23.04 4.71 8.08
C ASP B 76 -24.52 4.81 8.58
N ALA B 77 -25.12 3.68 8.95
CA ALA B 77 -26.48 3.64 9.53
C ALA B 77 -26.69 4.50 10.79
N LYS B 78 -25.68 4.68 11.65
CA LYS B 78 -25.80 5.57 12.83
C LYS B 78 -25.46 7.05 12.51
N THR B 79 -24.79 7.33 11.39
CA THR B 79 -24.54 8.72 10.95
C THR B 79 -25.72 9.25 10.15
N SER B 82 -27.30 11.84 10.19
CA SER B 82 -26.91 13.19 10.50
C SER B 82 -25.79 13.70 9.60
N ALA B 83 -25.61 15.02 9.60
CA ALA B 83 -24.47 15.66 8.95
C ALA B 83 -23.19 15.41 9.75
N VAL B 84 -22.09 15.28 9.03
CA VAL B 84 -20.79 15.07 9.66
C VAL B 84 -20.20 16.47 9.89
N ALA B 85 -19.56 16.69 11.05
CA ALA B 85 -19.08 18.02 11.45
C ALA B 85 -18.04 18.54 10.45
N GLY B 86 -18.13 19.84 10.19
CA GLY B 86 -17.26 20.62 9.27
C GLY B 86 -18.06 21.42 8.25
N ALA B 87 -17.57 22.61 7.93
CA ALA B 87 -18.23 23.45 6.97
C ALA B 87 -17.72 23.31 5.57
N THR B 88 -16.57 22.64 5.34
CA THR B 88 -16.13 22.41 3.95
C THR B 88 -15.80 20.93 3.78
N PRO B 89 -15.57 20.50 2.54
CA PRO B 89 -15.22 19.05 2.33
C PRO B 89 -13.99 18.65 3.10
N PHE B 90 -12.97 19.53 3.12
CA PHE B 90 -11.73 19.32 3.87
C PHE B 90 -12.00 19.11 5.36
N GLN B 91 -12.78 20.00 5.95
CA GLN B 91 -13.02 19.88 7.36
C GLN B 91 -13.72 18.58 7.73
N ARG B 92 -14.70 18.22 6.95
CA ARG B 92 -15.59 17.04 7.19
C ARG B 92 -14.70 15.76 7.04
N LEU B 93 -13.87 15.75 6.02
CA LEU B 93 -12.99 14.52 5.78
C LEU B 93 -11.90 14.46 6.83
N ASN B 94 -11.27 15.60 7.17
CA ASN B 94 -10.33 15.69 8.23
C ASN B 94 -10.94 15.17 9.54
N PHE B 95 -12.20 15.58 9.86
CA PHE B 95 -12.84 15.09 11.06
C PHE B 95 -13.01 13.54 11.10
N MET B 96 -13.50 13.02 10.00
CA MET B 96 -13.81 11.61 9.87
C MET B 96 -12.48 10.81 9.97
N VAL B 97 -11.49 11.21 9.18
CA VAL B 97 -10.16 10.54 9.20
C VAL B 97 -9.58 10.63 10.61
N GLY B 98 -9.74 11.79 11.25
CA GLY B 98 -9.33 11.85 12.58
C GLY B 98 -9.95 10.88 13.61
N LYS B 99 -11.23 10.73 13.54
CA LYS B 99 -11.94 9.84 14.44
C LYS B 99 -11.43 8.37 14.14
N LEU B 100 -11.31 8.02 12.87
CA LEU B 100 -10.83 6.65 12.52
C LEU B 100 -9.41 6.42 12.97
N ASN B 101 -8.50 7.41 12.84
CA ASN B 101 -7.18 7.35 13.43
C ASN B 101 -7.16 7.12 14.89
N ARG B 102 -8.04 7.81 15.63
CA ARG B 102 -8.08 7.63 17.06
C ARG B 102 -8.51 6.16 17.39
N ALA B 103 -9.45 5.67 16.65
CA ALA B 103 -9.93 4.30 16.85
C ALA B 103 -8.83 3.30 16.49
N MET B 104 -8.05 3.56 15.45
CA MET B 104 -6.85 2.74 15.13
C MET B 104 -5.85 2.76 16.23
N GLN B 105 -5.58 3.97 16.76
CA GLN B 105 -4.59 4.06 17.81
C GLN B 105 -4.96 3.33 19.06
N ARG B 106 -6.23 3.30 19.40
CA ARG B 106 -6.68 2.65 20.61
C ARG B 106 -6.80 1.13 20.38
N ASN B 107 -6.68 0.66 19.12
CA ASN B 107 -6.85 -0.75 18.81
C ASN B 107 -5.76 -1.32 17.92
N PRO B 108 -4.51 -1.26 18.36
CA PRO B 108 -3.44 -1.74 17.50
C PRO B 108 -3.54 -3.20 17.08
N LEU B 109 -4.10 -4.07 17.92
CA LEU B 109 -4.18 -5.51 17.55
C LEU B 109 -5.23 -5.72 16.52
N LEU B 110 -6.36 -5.00 16.63
CA LEU B 110 -7.34 -5.08 15.61
C LEU B 110 -6.79 -4.57 14.28
N THR B 111 -6.05 -3.47 14.36
CA THR B 111 -5.42 -2.82 13.15
C THR B 111 -4.46 -3.81 12.47
N GLU B 112 -3.62 -4.46 13.27
CA GLU B 112 -2.70 -5.56 12.84
C GLU B 112 -3.50 -6.62 12.12
N ALA B 113 -4.63 -7.10 12.66
CA ALA B 113 -5.44 -8.13 12.04
C ALA B 113 -5.95 -7.71 10.73
N MET B 114 -6.49 -6.48 10.67
CA MET B 114 -7.00 -6.02 9.41
C MET B 114 -5.94 -5.78 8.33
N THR B 115 -4.79 -5.25 8.74
CA THR B 115 -3.70 -4.95 7.79
C THR B 115 -3.22 -6.28 7.21
N ARG B 116 -3.03 -7.29 8.06
CA ARG B 116 -2.68 -8.63 7.52
C ARG B 116 -3.71 -9.23 6.64
N ALA B 117 -4.99 -9.05 6.96
CA ALA B 117 -6.04 -9.57 6.09
C ALA B 117 -5.98 -9.01 4.68
N TYR B 118 -5.76 -7.70 4.58
CA TYR B 118 -5.65 -7.07 3.27
C TYR B 118 -4.35 -7.49 2.54
N VAL B 119 -3.26 -7.69 3.25
CA VAL B 119 -2.00 -8.08 2.62
C VAL B 119 -2.16 -9.48 2.02
N PHE B 120 -2.85 -10.34 2.74
CA PHE B 120 -3.08 -11.72 2.34
C PHE B 120 -4.28 -11.95 1.48
N ALA B 121 -5.20 -10.97 1.33
CA ALA B 121 -6.37 -11.13 0.53
C ALA B 121 -6.02 -11.39 -0.91
N ASP B 122 -6.60 -12.44 -1.46
CA ASP B 122 -6.37 -12.80 -2.87
C ASP B 122 -7.65 -12.90 -3.65
N ALA B 123 -7.60 -13.54 -4.82
CA ALA B 123 -8.72 -13.54 -5.74
C ALA B 123 -9.95 -14.18 -5.13
N SER B 124 -9.77 -15.08 -4.19
CA SER B 124 -10.91 -15.76 -3.61
C SER B 124 -11.69 -14.82 -2.64
N ALA B 125 -11.08 -13.71 -2.23
CA ALA B 125 -11.79 -12.73 -1.36
C ALA B 125 -11.99 -11.41 -2.10
N ALA B 126 -11.76 -11.41 -3.40
CA ALA B 126 -11.79 -10.18 -4.21
C ALA B 126 -13.16 -9.48 -4.20
N SER B 127 -14.20 -10.27 -4.31
CA SER B 127 -15.51 -9.69 -4.24
C SER B 127 -15.83 -8.99 -2.85
N GLU B 128 -15.48 -9.66 -1.76
CA GLU B 128 -15.63 -9.12 -0.39
C GLU B 128 -14.82 -7.82 -0.22
N VAL B 129 -13.55 -7.87 -0.59
CA VAL B 129 -12.68 -6.71 -0.57
C VAL B 129 -13.24 -5.52 -1.38
N ASP B 130 -13.71 -5.81 -2.60
N ASP B 130 -13.71 -5.81 -2.59
CA ASP B 130 -14.33 -4.78 -3.47
CA ASP B 130 -14.35 -4.82 -3.49
C ASP B 130 -15.57 -4.15 -2.83
C ASP B 130 -15.57 -4.16 -2.85
N GLN B 131 -16.45 -4.97 -2.27
CA GLN B 131 -17.66 -4.46 -1.57
C GLN B 131 -17.34 -3.58 -0.37
N VAL B 132 -16.35 -3.97 0.41
CA VAL B 132 -15.94 -3.17 1.51
C VAL B 132 -15.27 -1.85 1.06
N GLU B 133 -14.39 -1.91 0.07
CA GLU B 133 -13.89 -0.70 -0.57
C GLU B 133 -14.97 0.28 -1.02
N LYS B 134 -16.02 -0.21 -1.66
CA LYS B 134 -17.09 0.65 -2.17
C LYS B 134 -17.77 1.31 -1.00
N LEU B 135 -17.97 0.54 0.05
CA LEU B 135 -18.63 1.09 1.22
C LEU B 135 -17.75 2.14 1.93
N ILE B 136 -16.47 1.83 2.17
CA ILE B 136 -15.63 2.76 2.92
C ILE B 136 -15.41 4.05 2.09
N ASP B 137 -15.16 3.89 0.80
CA ASP B 137 -14.99 5.05 -0.03
C ASP B 137 -16.25 5.91 -0.22
N SER B 138 -17.40 5.28 -0.35
N SER B 138 -17.40 5.26 -0.33
CA SER B 138 -18.67 6.04 -0.37
CA SER B 138 -18.71 5.95 -0.34
C SER B 138 -18.83 6.83 0.94
C SER B 138 -18.96 6.74 0.97
N MET B 139 -18.44 6.26 2.08
CA MET B 139 -18.55 6.97 3.40
C MET B 139 -17.61 8.19 3.46
N PHE B 140 -16.37 8.02 2.94
CA PHE B 140 -15.45 9.15 2.82
C PHE B 140 -16.02 10.20 1.92
N ALA B 141 -16.53 9.78 0.77
CA ALA B 141 -16.98 10.72 -0.27
C ALA B 141 -18.25 11.49 0.24
N ARG B 142 -19.10 10.73 0.95
CA ARG B 142 -20.35 11.33 1.53
C ARG B 142 -20.01 12.37 2.58
N ALA B 143 -18.96 12.11 3.39
CA ALA B 143 -18.46 13.12 4.30
C ALA B 143 -17.97 14.37 3.55
N MET B 144 -17.15 14.21 2.51
CA MET B 144 -16.74 15.33 1.70
C MET B 144 -17.92 16.16 1.18
N ALA B 145 -18.93 15.47 0.69
CA ALA B 145 -20.05 16.08 -0.03
C ALA B 145 -21.09 16.65 0.94
N ASN B 146 -21.12 16.13 2.16
CA ASN B 146 -22.20 16.25 3.11
C ASN B 146 -23.46 15.82 2.40
N GLY B 147 -23.40 14.70 1.66
CA GLY B 147 -24.50 14.33 0.83
C GLY B 147 -24.04 13.41 -0.30
N GLU B 148 -24.73 13.47 -1.44
CA GLU B 148 -24.37 12.68 -2.62
C GLU B 148 -23.08 13.20 -3.24
N PRO B 149 -22.08 12.32 -3.42
CA PRO B 149 -20.74 12.80 -3.87
C PRO B 149 -20.50 12.86 -5.35
N THR B 150 -19.47 13.59 -5.78
CA THR B 150 -19.09 13.63 -7.16
C THR B 150 -18.19 12.43 -7.49
N GLU B 151 -17.95 12.22 -8.78
CA GLU B 151 -17.01 11.22 -9.21
C GLU B 151 -15.69 11.46 -8.59
N ASP B 152 -15.21 12.70 -8.68
CA ASP B 152 -13.96 13.10 -8.10
C ASP B 152 -13.91 12.74 -6.63
N GLN B 153 -14.98 12.96 -5.87
CA GLN B 153 -14.96 12.65 -4.42
C GLN B 153 -14.77 11.16 -4.15
N TYR B 154 -15.48 10.30 -4.87
CA TYR B 154 -15.21 8.86 -4.80
C TYR B 154 -13.76 8.53 -5.15
N HIS B 155 -13.22 9.12 -6.20
CA HIS B 155 -11.78 8.92 -6.54
C HIS B 155 -10.78 9.36 -5.48
N ILE B 156 -11.02 10.56 -4.85
CA ILE B 156 -10.23 11.05 -3.81
C ILE B 156 -10.25 10.05 -2.67
N ALA B 157 -11.42 9.55 -2.34
CA ALA B 157 -11.54 8.59 -1.24
C ALA B 157 -10.61 7.38 -1.46
N ARG B 158 -10.56 6.93 -2.70
CA ARG B 158 -9.73 5.76 -3.03
C ARG B 158 -8.23 6.06 -2.88
N VAL B 159 -7.81 7.30 -3.16
CA VAL B 159 -6.48 7.70 -3.04
C VAL B 159 -6.21 7.65 -1.56
N ILE B 160 -7.16 8.19 -0.75
CA ILE B 160 -6.90 8.18 0.70
C ILE B 160 -6.79 6.74 1.25
N SER B 161 -7.64 5.87 0.76
CA SER B 161 -7.64 4.45 1.23
C SER B 161 -6.36 3.68 0.82
N ASP B 162 -5.80 4.06 -0.33
CA ASP B 162 -4.50 3.51 -0.77
C ASP B 162 -3.33 4.02 0.04
N VAL B 163 -3.32 5.34 0.37
CA VAL B 163 -2.35 5.85 1.26
C VAL B 163 -2.43 5.15 2.62
N TRP B 164 -3.66 4.93 3.08
CA TRP B 164 -3.85 4.36 4.41
C TRP B 164 -3.26 2.92 4.41
N LEU B 165 -3.53 2.16 3.37
CA LEU B 165 -3.07 0.73 3.42
C LEU B 165 -1.50 0.63 3.35
N SER B 166 -0.90 1.44 2.50
N SER B 166 -0.91 1.45 2.50
CA SER B 166 0.54 1.51 2.35
CA SER B 166 0.51 1.49 2.33
C SER B 166 1.21 1.90 3.64
C SER B 166 1.20 1.89 3.62
N ASN B 167 0.65 2.91 4.31
CA ASN B 167 1.20 3.31 5.56
C ASN B 167 0.98 2.27 6.69
N LEU B 168 -0.10 1.53 6.65
CA LEU B 168 -0.31 0.48 7.57
C LEU B 168 0.71 -0.68 7.34
N LEU B 169 1.04 -0.98 6.11
CA LEU B 169 2.09 -1.93 5.84
C LEU B 169 3.38 -1.49 6.51
N ALA B 170 3.69 -0.18 6.44
CA ALA B 170 4.89 0.32 7.04
C ALA B 170 4.80 0.26 8.54
N TRP B 171 3.64 0.52 9.14
CA TRP B 171 3.55 0.44 10.57
C TRP B 171 3.71 -1.05 11.02
N LEU B 172 3.09 -1.93 10.30
CA LEU B 172 3.04 -3.36 10.68
C LEU B 172 4.46 -3.88 10.69
N THR B 173 5.30 -3.35 9.80
CA THR B 173 6.69 -3.83 9.66
C THR B 173 7.70 -2.97 10.38
N ARG B 174 7.23 -2.04 11.23
CA ARG B 174 8.07 -1.24 12.08
C ARG B 174 8.92 -0.24 11.33
N ARG B 175 8.48 0.16 10.16
CA ARG B 175 9.17 1.19 9.40
C ARG B 175 8.49 2.54 9.64
N ALA B 176 7.33 2.52 10.27
CA ALA B 176 6.57 3.80 10.54
C ALA B 176 5.87 3.66 11.89
N SER B 177 5.78 4.79 12.57
CA SER B 177 5.02 4.85 13.81
C SER B 177 3.58 5.16 13.54
N ALA B 178 2.78 5.00 14.59
CA ALA B 178 1.39 5.40 14.53
C ALA B 178 1.21 6.93 14.24
N THR B 179 2.02 7.77 14.83
CA THR B 179 2.07 9.20 14.52
C THR B 179 2.46 9.46 13.09
N ASP B 180 3.46 8.75 12.59
CA ASP B 180 3.71 8.82 11.12
C ASP B 180 2.49 8.57 10.25
N VAL B 181 1.72 7.46 10.51
CA VAL B 181 0.58 7.14 9.70
C VAL B 181 -0.43 8.29 9.72
N SER B 182 -0.67 8.81 10.92
CA SER B 182 -1.61 9.90 11.14
C SER B 182 -1.20 11.14 10.34
N LYS B 183 0.05 11.50 10.46
CA LYS B 183 0.60 12.63 9.68
C LYS B 183 0.44 12.46 8.19
N ARG B 184 0.74 11.27 7.68
CA ARG B 184 0.65 11.04 6.25
C ARG B 184 -0.76 11.11 5.72
N LEU B 185 -1.72 10.60 6.47
CA LEU B 185 -3.08 10.71 6.16
C LEU B 185 -3.54 12.20 6.16
N ASP B 186 -3.11 12.97 7.15
CA ASP B 186 -3.49 14.44 7.16
C ASP B 186 -2.95 15.13 5.96
N LEU B 187 -1.74 14.76 5.53
CA LEU B 187 -1.09 15.42 4.38
C LEU B 187 -1.86 15.09 3.15
N ALA B 188 -2.26 13.82 2.99
CA ALA B 188 -3.03 13.43 1.83
C ALA B 188 -4.37 14.15 1.70
N VAL B 189 -5.09 14.24 2.82
CA VAL B 189 -6.33 14.98 2.83
C VAL B 189 -6.13 16.46 2.36
N ARG B 190 -5.14 17.13 2.90
CA ARG B 190 -4.87 18.57 2.62
C ARG B 190 -4.45 18.71 1.16
N LEU B 191 -3.56 17.81 0.71
CA LEU B 191 -3.17 17.87 -0.71
C LEU B 191 -4.27 17.66 -1.73
N LEU B 192 -5.26 16.78 -1.46
CA LEU B 192 -6.31 16.50 -2.36
C LEU B 192 -7.49 17.48 -2.34
N ILE B 193 -7.86 17.92 -1.15
CA ILE B 193 -9.06 18.78 -0.97
C ILE B 193 -8.91 19.99 -0.07
N GLY B 194 -7.67 20.26 0.36
CA GLY B 194 -7.31 21.36 1.30
C GLY B 194 -7.93 22.68 0.89
N ASP B 195 -8.50 23.38 1.87
CA ASP B 195 -9.05 24.72 1.68
C ASP B 195 -7.83 25.64 1.43
O17 5JB C . 8.17 4.14 -2.39
C38 5JB C . 7.88 3.43 -3.38
C37 5JB C . 7.70 3.99 -4.70
C39 5JB C . 7.75 1.92 -3.16
C40 5JB C . 8.20 1.27 -4.49
C41 5JB C . 7.41 1.71 -5.70
C42 5JB C . 6.03 1.16 -5.59
C36 5JB C . 7.38 3.26 -5.78
C35 5JB C . 6.85 3.89 -7.03
C34 5JB C . 7.62 3.35 -8.26
C43 5JB C . 8.11 1.18 -6.99
C33 5JB C . 7.58 1.81 -8.26
C44 5JB C . 8.09 -0.36 -7.01
C45 5JB C . 8.85 -0.92 -8.28
C46 5JB C . 8.43 -0.26 -9.57
C47 5JB C . 7.08 -0.85 -9.90
C32 5JB C . 8.46 1.28 -9.43
C31 5JB C . 8.18 1.84 -10.83
C30 5JB C . 8.79 0.76 -11.75
C29 5JB C . 9.31 -0.40 -10.85
C1 5JB C . 9.29 -1.74 -11.58
C 5JB C . 9.75 -2.87 -10.67
C2 5JB C . 10.02 -1.67 -12.96
C3 5JB C . 11.50 -1.34 -12.79
C4 5JB C . 12.08 -1.34 -14.22
C5 5JB C . 13.57 -1.00 -14.12
C6 5JB C . 13.71 0.48 -13.88
C7 5JB C . 14.24 -1.35 -15.42
O 5JB C . 14.13 -0.55 -16.35
S1P 5JB C . 15.03 -2.83 -15.61
C2P 5JB C . 15.69 -2.84 -17.26
C3P 5JB C . 17.00 -2.05 -17.29
N4P 5JB C . 16.78 -0.66 -17.62
C1 MPD D . 12.37 21.93 1.26
C2 MPD D . 13.66 22.08 0.46
O2 MPD D . 13.32 21.88 -0.91
CM MPD D . 14.59 20.94 0.88
C3 MPD D . 14.44 23.38 0.72
C4 MPD D . 14.02 24.74 0.13
O4 MPD D . 14.78 25.14 -1.02
C5 MPD D . 12.57 24.77 -0.30
C1 GOL E . 22.45 23.45 -1.16
O1 GOL E . 23.03 24.27 -2.18
C2 GOL E . 22.50 21.95 -1.46
O2 GOL E . 23.18 21.53 -2.64
C3 GOL E . 21.09 21.46 -1.47
O3 GOL E . 20.93 20.08 -1.62
O17 5JB F . -11.13 -0.45 1.60
C38 5JB F . -10.27 -0.13 2.49
C37 5JB F . -10.04 1.22 3.05
C39 5JB F . -9.55 -1.28 3.16
C40 5JB F . -8.46 -0.99 4.14
C41 5JB F . -8.45 0.40 4.84
C42 5JB F . -6.98 0.76 4.85
C36 5JB F . -9.23 1.43 4.08
C35 5JB F . -9.20 2.83 4.68
C34 5JB F . -9.73 2.73 6.08
C43 5JB F . -8.99 0.32 6.30
C33 5JB F . -9.03 1.71 6.96
C44 5JB F . -8.30 -0.72 7.23
C45 5JB F . -8.80 -0.81 8.65
C46 5JB F . -8.85 0.59 9.34
C47 5JB F . -7.44 1.07 9.62
C32 5JB F . -9.60 1.54 8.41
C31 5JB F . -9.86 2.76 9.29
C30 5JB F . -9.98 2.27 10.73
C29 5JB F . -9.65 0.72 10.65
C1 5JB F . -8.99 0.26 11.92
C 5JB F . -8.85 -1.28 11.91
C2 5JB F . -9.74 0.64 13.24
C3 5JB F . -11.18 0.12 13.22
C4 5JB F . -11.96 0.65 14.42
C5 5JB F . -13.43 0.17 14.33
C6 5JB F . -14.26 0.83 13.22
C7 5JB F . -14.03 0.29 15.71
O 5JB F . -14.24 1.37 16.25
S1P 5JB F . -14.36 -1.14 16.52
C2P 5JB F . -13.68 -1.06 18.13
C3P 5JB F . -14.75 -0.70 19.14
N4P 5JB F . -14.11 0.03 20.23
S SO4 G . -10.93 -30.88 16.13
O1 SO4 G . -12.10 -30.87 15.21
O2 SO4 G . -10.96 -32.07 17.01
O3 SO4 G . -10.95 -29.66 16.96
O4 SO4 G . -9.68 -30.96 15.31
C1 MPD H . -10.13 -2.74 -3.47
C2 MPD H . -8.88 -2.57 -2.63
O2 MPD H . -7.74 -2.92 -3.44
CM MPD H . -8.92 -3.49 -1.44
C3 MPD H . -8.77 -1.16 -2.05
C4 MPD H . -7.60 -0.97 -1.10
O4 MPD H . -6.35 -1.08 -1.82
C5 MPD H . -7.71 0.46 -0.54
#